data_3UGD
#
_entry.id   3UGD
#
_cell.length_a   43.946
_cell.length_b   32.504
_cell.length_c   49.677
_cell.angle_alpha   90.00
_cell.angle_beta   94.21
_cell.angle_gamma   90.00
#
_symmetry.space_group_name_H-M   'P 1 21 1'
#
loop_
_entity.id
_entity.type
_entity.pdbx_description
1 polymer 'Protein kinase C delta type'
2 non-polymer 'ZINC ION'
3 non-polymer 1,2-ETHANEDIOL
4 non-polymer 'PHOSPHATE ION'
5 water water
#
_entity_poly.entity_id   1
_entity_poly.type   'polypeptide(L)'
_entity_poly.pdbx_seq_one_letter_code
;GSRRASVGSHRFKVHNYMSPTFCDHCGSLLWGLVKQGLKCEDCGMNVHHKCREKVANLCEFIVTD
;
_entity_poly.pdbx_strand_id   A,B
#
loop_
_chem_comp.id
_chem_comp.type
_chem_comp.name
_chem_comp.formula
EDO non-polymer 1,2-ETHANEDIOL 'C2 H6 O2'
PO4 non-polymer 'PHOSPHATE ION' 'O4 P -3'
ZN non-polymer 'ZINC ION' 'Zn 2'
#
# COMPACT_ATOMS: atom_id res chain seq x y z
N GLY A 1 -2.52 -14.48 -8.38
CA GLY A 1 -3.08 -13.87 -7.19
C GLY A 1 -2.03 -13.27 -6.27
N SER A 2 -2.31 -12.09 -5.76
CA SER A 2 -1.37 -11.39 -4.88
C SER A 2 -2.13 -10.69 -3.78
N ARG A 3 -1.58 -10.71 -2.56
CA ARG A 3 -2.09 -9.85 -1.51
C ARG A 3 -1.82 -8.40 -1.91
N ARG A 4 -2.60 -7.48 -1.35
CA ARG A 4 -2.29 -6.07 -1.48
C ARG A 4 -1.56 -5.67 -0.21
N ALA A 5 -0.39 -5.08 -0.40
CA ALA A 5 0.44 -4.71 0.72
C ALA A 5 0.70 -3.22 0.60
N SER A 6 0.78 -2.55 1.74
CA SER A 6 1.32 -1.21 1.80
C SER A 6 2.81 -1.34 2.07
N VAL A 7 3.63 -0.71 1.23
CA VAL A 7 5.08 -0.88 1.24
C VAL A 7 5.78 0.47 1.26
N GLY A 8 6.54 0.74 2.31
CA GLY A 8 7.26 1.99 2.42
C GLY A 8 8.41 1.85 3.40
N SER A 9 8.72 2.95 4.08
CA SER A 9 9.66 2.94 5.18
C SER A 9 8.95 3.30 6.48
N HIS A 10 9.52 2.87 7.60
CA HIS A 10 8.86 3.13 8.88
C HIS A 10 8.68 4.63 9.12
N ARG A 11 7.64 4.98 9.86
CA ARG A 11 7.38 6.37 10.25
C ARG A 11 7.25 6.33 11.79
N PHE A 12 8.38 6.30 12.47
CA PHE A 12 8.39 6.22 13.93
C PHE A 12 8.03 7.53 14.62
N LYS A 13 7.15 7.42 15.61
CA LYS A 13 6.76 8.55 16.43
C LYS A 13 6.83 8.17 17.90
N VAL A 14 7.35 9.07 18.72
CA VAL A 14 7.42 8.82 20.15
C VAL A 14 6.03 8.46 20.66
N HIS A 15 5.97 7.44 21.51
CA HIS A 15 4.69 6.89 21.93
C HIS A 15 4.64 6.69 23.44
N ASN A 16 3.48 6.97 24.02
CA ASN A 16 3.26 6.69 25.43
C ASN A 16 2.50 5.38 25.57
N TYR A 17 3.17 4.36 26.09
CA TYR A 17 2.54 3.06 26.25
C TYR A 17 1.78 2.96 27.57
N MET A 18 0.59 2.37 27.52
CA MET A 18 -0.32 2.33 28.67
C MET A 18 -0.21 1.00 29.42
N SER A 19 0.42 0.02 28.79
CA SER A 19 0.69 -1.27 29.41
C SER A 19 2.14 -1.64 29.14
N PRO A 20 2.70 -2.54 29.96
CA PRO A 20 4.08 -3.01 29.71
C PRO A 20 4.19 -3.54 28.29
N THR A 21 5.19 -3.05 27.58
CA THR A 21 5.36 -3.35 26.17
C THR A 21 6.82 -3.61 25.92
N PHE A 22 7.10 -4.57 25.05
CA PHE A 22 8.47 -4.93 24.71
C PHE A 22 8.92 -4.37 23.39
N CYS A 23 10.22 -4.17 23.27
CA CYS A 23 10.79 -3.71 22.02
C CYS A 23 10.67 -4.82 20.98
N ASP A 24 10.09 -4.51 19.83
CA ASP A 24 9.93 -5.50 18.76
C ASP A 24 11.24 -5.85 18.07
N HIS A 25 12.28 -5.05 18.32
CA HIS A 25 13.61 -5.36 17.79
C HIS A 25 14.42 -6.25 18.74
N CYS A 26 14.63 -5.81 19.98
CA CYS A 26 15.59 -6.45 20.88
C CYS A 26 14.96 -7.31 21.98
N GLY A 27 13.66 -7.15 22.21
CA GLY A 27 12.95 -7.96 23.19
C GLY A 27 13.01 -7.47 24.64
N SER A 28 13.75 -6.40 24.90
CA SER A 28 13.74 -5.84 26.25
C SER A 28 12.55 -4.93 26.48
N LEU A 29 12.12 -4.84 27.73
CA LEU A 29 11.01 -3.99 28.12
C LEU A 29 11.25 -2.54 27.69
N LEU A 30 10.20 -1.89 27.19
CA LEU A 30 10.24 -0.44 26.97
C LEU A 30 10.03 0.24 28.32
N TRP A 31 11.13 0.67 28.94
CA TRP A 31 11.12 1.17 30.32
C TRP A 31 10.42 2.49 30.49
N GLY A 32 9.81 2.68 31.67
CA GLY A 32 9.15 3.92 31.99
C GLY A 32 7.64 3.83 31.92
N LEU A 33 6.97 4.91 32.30
CA LEU A 33 5.52 4.96 32.22
C LEU A 33 5.09 5.96 31.15
N VAL A 34 6.05 6.72 30.62
CA VAL A 34 5.78 7.64 29.50
C VAL A 34 6.89 7.68 28.45
N LYS A 35 6.51 8.02 27.22
CA LYS A 35 7.45 8.15 26.11
C LYS A 35 8.50 7.04 26.11
N GLN A 36 8.03 5.81 26.31
CA GLN A 36 8.94 4.70 26.54
C GLN A 36 9.64 4.24 25.28
N GLY A 37 9.13 4.65 24.13
CA GLY A 37 9.76 4.25 22.88
C GLY A 37 9.08 4.91 21.72
N LEU A 38 9.26 4.34 20.54
CA LEU A 38 8.64 4.84 19.32
C LEU A 38 7.77 3.79 18.68
N LYS A 39 6.62 4.21 18.18
CA LYS A 39 5.75 3.30 17.49
C LYS A 39 5.63 3.73 16.03
N CYS A 40 5.78 2.77 15.12
CA CYS A 40 5.59 3.10 13.73
C CYS A 40 4.13 3.42 13.43
N GLU A 41 3.89 4.60 12.88
CA GLU A 41 2.54 5.06 12.62
C GLU A 41 1.85 4.22 11.56
N ASP A 42 2.64 3.51 10.74
CA ASP A 42 2.08 2.72 9.65
C ASP A 42 1.87 1.25 9.99
N CYS A 43 2.83 0.63 10.65
CA CYS A 43 2.77 -0.82 10.87
C CYS A 43 2.69 -1.24 12.33
N GLY A 44 2.83 -0.27 13.23
CA GLY A 44 2.70 -0.55 14.66
C GLY A 44 3.94 -1.05 15.36
N MET A 45 5.05 -1.20 14.64
CA MET A 45 6.29 -1.66 15.27
C MET A 45 6.68 -0.77 16.44
N ASN A 46 7.03 -1.40 17.58
CA ASN A 46 7.45 -0.67 18.78
C ASN A 46 8.95 -0.85 19.01
N VAL A 47 9.69 0.25 19.15
CA VAL A 47 11.12 0.13 19.43
C VAL A 47 11.66 1.08 20.49
N HIS A 48 12.74 0.69 21.16
CA HIS A 48 13.46 1.63 22.00
C HIS A 48 14.02 2.75 21.13
N HIS A 49 14.22 3.93 21.72
CA HIS A 49 14.92 4.99 21.01
C HIS A 49 16.22 4.46 20.41
N LYS A 50 17.00 3.74 21.22
CA LYS A 50 18.31 3.24 20.78
C LYS A 50 18.21 2.18 19.69
N CYS A 51 17.05 1.54 19.58
CA CYS A 51 16.87 0.49 18.59
C CYS A 51 16.35 1.02 17.26
N ARG A 52 15.88 2.26 17.26
CA ARG A 52 15.39 2.89 16.04
C ARG A 52 16.45 2.80 14.94
N GLU A 53 17.70 3.03 15.32
CA GLU A 53 18.82 2.97 14.37
C GLU A 53 19.24 1.56 13.98
N LYS A 54 18.69 0.56 14.66
CA LYS A 54 19.12 -0.81 14.44
C LYS A 54 18.16 -1.62 13.55
N VAL A 55 16.95 -1.11 13.33
CA VAL A 55 15.98 -1.86 12.55
C VAL A 55 16.08 -1.48 11.07
N ALA A 56 15.73 -2.42 10.21
CA ALA A 56 15.66 -2.14 8.79
C ALA A 56 14.57 -1.11 8.54
N ASN A 57 14.75 -0.27 7.54
CA ASN A 57 13.76 0.75 7.24
C ASN A 57 12.49 0.19 6.63
N LEU A 58 12.59 -0.96 5.97
CA LEU A 58 11.46 -1.57 5.28
C LEU A 58 10.21 -1.73 6.16
N CYS A 59 9.10 -1.20 5.67
CA CYS A 59 7.85 -1.21 6.43
C CYS A 59 6.73 -1.71 5.55
N GLU A 60 6.23 -2.91 5.81
CA GLU A 60 5.16 -3.47 5.01
C GLU A 60 4.09 -4.02 5.91
N PHE A 61 2.85 -3.96 5.44
CA PHE A 61 1.74 -4.60 6.11
C PHE A 61 0.65 -4.88 5.09
N ILE A 62 -0.10 -5.95 5.34
CA ILE A 62 -1.14 -6.36 4.40
C ILE A 62 -2.34 -5.43 4.61
N VAL A 63 -2.86 -4.87 3.51
CA VAL A 63 -4.05 -4.04 3.63
C VAL A 63 -5.30 -4.90 3.48
N THR A 64 -6.01 -5.07 4.58
CA THR A 64 -7.20 -5.92 4.66
C THR A 64 -8.46 -5.07 4.58
N ASP A 65 -8.31 -3.86 4.06
CA ASP A 65 -9.41 -2.91 3.90
C ASP A 65 -10.26 -3.29 2.68
N GLY B 1 15.10 7.35 2.33
CA GLY B 1 13.66 7.34 2.55
C GLY B 1 12.93 6.76 1.36
N SER B 2 11.64 6.51 1.54
CA SER B 2 10.89 5.78 0.54
C SER B 2 9.49 6.36 0.42
N ARG B 3 8.96 6.38 -0.80
CA ARG B 3 7.53 6.62 -0.95
C ARG B 3 6.81 5.42 -0.34
N ARG B 4 5.53 5.61 -0.06
CA ARG B 4 4.71 4.47 0.30
C ARG B 4 3.85 4.12 -0.89
N ALA B 5 3.85 2.84 -1.21
CA ALA B 5 3.10 2.34 -2.35
C ALA B 5 2.14 1.25 -1.93
N SER B 6 0.97 1.26 -2.56
CA SER B 6 0.05 0.16 -2.43
C SER B 6 0.33 -0.80 -3.58
N VAL B 7 0.63 -2.05 -3.24
CA VAL B 7 1.17 -3.02 -4.17
C VAL B 7 0.32 -4.29 -4.14
N GLY B 8 -0.20 -4.68 -5.29
CA GLY B 8 -0.97 -5.91 -5.39
C GLY B 8 -1.11 -6.31 -6.85
N SER B 9 -2.24 -6.90 -7.18
CA SER B 9 -2.56 -7.19 -8.57
C SER B 9 -3.79 -6.40 -8.96
N HIS B 10 -3.98 -6.16 -10.26
CA HIS B 10 -5.12 -5.36 -10.69
C HIS B 10 -6.44 -5.99 -10.26
N ARG B 11 -7.44 -5.14 -10.07
CA ARG B 11 -8.79 -5.57 -9.74
C ARG B 11 -9.73 -4.92 -10.76
N PHE B 12 -9.84 -5.53 -11.94
CA PHE B 12 -10.61 -4.93 -13.01
C PHE B 12 -12.11 -5.13 -12.84
N LYS B 13 -12.88 -4.08 -13.11
CA LYS B 13 -14.33 -4.17 -13.07
C LYS B 13 -14.89 -3.46 -14.31
N VAL B 14 -15.92 -4.04 -14.93
CA VAL B 14 -16.50 -3.39 -16.10
C VAL B 14 -16.89 -1.96 -15.74
N HIS B 15 -16.68 -1.04 -16.67
CA HIS B 15 -16.85 0.37 -16.39
C HIS B 15 -17.61 1.11 -17.52
N ASN B 16 -18.47 2.05 -17.12
CA ASN B 16 -19.14 2.96 -18.06
C ASN B 16 -18.36 4.26 -18.18
N TYR B 17 -17.76 4.48 -19.34
CA TYR B 17 -17.01 5.70 -19.56
C TYR B 17 -17.93 6.78 -20.12
N MET B 18 -17.85 7.98 -19.55
CA MET B 18 -18.79 9.03 -19.91
C MET B 18 -18.25 9.93 -21.00
N SER B 19 -16.96 9.76 -21.31
CA SER B 19 -16.30 10.45 -22.41
C SER B 19 -15.42 9.45 -23.16
N PRO B 20 -15.06 9.77 -24.41
CA PRO B 20 -14.17 8.89 -25.17
C PRO B 20 -12.89 8.60 -24.39
N THR B 21 -12.55 7.34 -24.28
CA THR B 21 -11.46 6.90 -23.43
C THR B 21 -10.72 5.82 -24.19
N PHE B 22 -9.41 5.81 -24.03
CA PHE B 22 -8.54 4.89 -24.75
C PHE B 22 -8.02 3.78 -23.83
N CYS B 23 -7.69 2.66 -24.42
CA CYS B 23 -7.16 1.55 -23.65
C CYS B 23 -5.75 1.93 -23.21
N ASP B 24 -5.47 1.80 -21.92
CA ASP B 24 -4.14 2.12 -21.39
C ASP B 24 -3.07 1.10 -21.78
N HIS B 25 -3.51 -0.06 -22.29
CA HIS B 25 -2.57 -1.04 -22.79
C HIS B 25 -2.25 -0.86 -24.28
N CYS B 26 -3.26 -0.79 -25.13
CA CYS B 26 -3.02 -0.90 -26.57
C CYS B 26 -3.19 0.41 -27.33
N GLY B 27 -3.82 1.40 -26.70
CA GLY B 27 -3.95 2.73 -27.29
C GLY B 27 -5.15 2.89 -28.22
N SER B 28 -5.91 1.82 -28.48
CA SER B 28 -7.13 1.98 -29.26
C SER B 28 -8.32 2.43 -28.41
N LEU B 29 -9.24 3.15 -29.02
CA LEU B 29 -10.44 3.63 -28.36
C LEU B 29 -11.22 2.48 -27.67
N LEU B 30 -11.73 2.76 -26.47
CA LEU B 30 -12.70 1.88 -25.83
C LEU B 30 -14.05 2.12 -26.51
N TRP B 31 -14.39 1.28 -27.46
CA TRP B 31 -15.53 1.51 -28.34
C TRP B 31 -16.87 1.54 -27.62
N GLY B 32 -17.77 2.38 -28.11
CA GLY B 32 -19.14 2.41 -27.62
C GLY B 32 -19.38 3.48 -26.58
N LEU B 33 -20.61 3.51 -26.06
CA LEU B 33 -21.01 4.55 -25.11
C LEU B 33 -21.26 4.01 -23.70
N VAL B 34 -21.28 2.69 -23.55
CA VAL B 34 -21.45 2.04 -22.24
C VAL B 34 -20.62 0.76 -22.14
N LYS B 35 -20.30 0.37 -20.90
CA LYS B 35 -19.51 -0.82 -20.62
C LYS B 35 -18.40 -1.03 -21.63
N GLN B 36 -17.66 0.02 -21.92
CA GLN B 36 -16.70 -0.02 -23.02
C GLN B 36 -15.46 -0.81 -22.68
N GLY B 37 -15.18 -1.01 -21.39
CA GLY B 37 -13.99 -1.72 -21.01
C GLY B 37 -13.99 -1.92 -19.51
N LEU B 38 -12.82 -2.21 -18.96
CA LEU B 38 -12.68 -2.42 -17.53
C LEU B 38 -11.72 -1.42 -16.93
N LYS B 39 -12.04 -0.98 -15.71
CA LYS B 39 -11.21 -0.05 -14.97
C LYS B 39 -10.71 -0.76 -13.70
N CYS B 40 -9.42 -0.67 -13.45
CA CYS B 40 -8.90 -1.24 -12.22
C CYS B 40 -9.38 -0.42 -11.04
N GLU B 41 -10.03 -1.08 -10.07
CA GLU B 41 -10.60 -0.39 -8.92
C GLU B 41 -9.53 0.19 -8.00
N ASP B 42 -8.29 -0.29 -8.16
CA ASP B 42 -7.20 0.19 -7.31
C ASP B 42 -6.34 1.31 -7.91
N CYS B 43 -5.96 1.16 -9.18
CA CYS B 43 -5.03 2.10 -9.80
C CYS B 43 -5.62 2.91 -10.94
N GLY B 44 -6.83 2.57 -11.38
CA GLY B 44 -7.51 3.33 -12.42
C GLY B 44 -7.21 2.93 -13.86
N MET B 45 -6.36 1.93 -14.05
CA MET B 45 -6.02 1.50 -15.41
C MET B 45 -7.27 1.11 -16.17
N ASN B 46 -7.37 1.58 -17.41
CA ASN B 46 -8.51 1.30 -18.30
C ASN B 46 -8.09 0.35 -19.41
N VAL B 47 -8.80 -0.76 -19.58
CA VAL B 47 -8.46 -1.70 -20.64
C VAL B 47 -9.65 -2.28 -21.41
N HIS B 48 -9.43 -2.63 -22.68
CA HIS B 48 -10.39 -3.45 -23.39
C HIS B 48 -10.57 -4.79 -22.66
N HIS B 49 -11.76 -5.38 -22.80
CA HIS B 49 -11.91 -6.75 -22.34
C HIS B 49 -10.78 -7.63 -22.84
N LYS B 50 -10.48 -7.56 -24.13
CA LYS B 50 -9.44 -8.43 -24.71
C LYS B 50 -8.04 -8.14 -24.17
N CYS B 51 -7.81 -6.91 -23.70
CA CYS B 51 -6.47 -6.51 -23.24
C CYS B 51 -6.27 -6.86 -21.77
N ARG B 52 -7.36 -7.19 -21.10
CA ARG B 52 -7.26 -7.65 -19.71
C ARG B 52 -6.31 -8.82 -19.60
N GLU B 53 -6.31 -9.69 -20.61
CA GLU B 53 -5.42 -10.84 -20.59
C GLU B 53 -3.99 -10.54 -21.03
N LYS B 54 -3.75 -9.32 -21.47
CA LYS B 54 -2.43 -8.98 -22.00
C LYS B 54 -1.59 -8.17 -21.04
N VAL B 55 -2.22 -7.50 -20.09
CA VAL B 55 -1.47 -6.65 -19.17
C VAL B 55 -0.80 -7.45 -18.06
N ALA B 56 0.34 -6.97 -17.60
CA ALA B 56 0.96 -7.49 -16.40
C ALA B 56 -0.01 -7.38 -15.22
N ASN B 57 0.04 -8.33 -14.30
CA ASN B 57 -0.86 -8.28 -13.15
C ASN B 57 -0.49 -7.19 -12.15
N LEU B 58 0.79 -6.84 -12.12
CA LEU B 58 1.30 -5.92 -11.11
C LEU B 58 0.52 -4.61 -11.08
N CYS B 59 0.05 -4.26 -9.89
CA CYS B 59 -0.74 -3.06 -9.68
C CYS B 59 -0.15 -2.27 -8.54
N GLU B 60 0.40 -1.11 -8.84
CA GLU B 60 0.96 -0.29 -7.78
C GLU B 60 0.54 1.15 -7.97
N PHE B 61 0.41 1.86 -6.86
CA PHE B 61 0.21 3.29 -6.90
C PHE B 61 0.75 3.93 -5.63
N ILE B 62 1.15 5.19 -5.73
CA ILE B 62 1.70 5.90 -4.58
C ILE B 62 0.57 6.34 -3.64
N VAL B 63 0.72 6.05 -2.35
CA VAL B 63 -0.29 6.47 -1.39
C VAL B 63 0.04 7.88 -0.88
N THR B 64 -0.74 8.84 -1.37
CA THR B 64 -0.54 10.26 -1.06
C THR B 64 -1.52 10.73 0.03
N ASP B 65 -2.11 9.75 0.72
CA ASP B 65 -3.03 10.02 1.81
C ASP B 65 -2.32 10.66 2.99
ZN ZN C . 15.11 -2.43 21.81
ZN ZN D . 6.51 0.42 10.01
C1 EDO E . -1.00 1.58 24.15
O1 EDO E . -0.11 1.57 23.03
C2 EDO E . -0.80 0.31 24.95
O2 EDO E . 0.49 0.34 25.57
P PO4 F . 4.70 7.26 5.23
O1 PO4 F . 4.19 7.13 6.64
O2 PO4 F . 5.31 5.94 4.84
O3 PO4 F . 3.52 7.57 4.33
O4 PO4 F . 5.73 8.35 5.13
P PO4 G . 0.68 -3.42 19.47
O1 PO4 G . 0.73 -4.26 20.74
O2 PO4 G . 2.09 -3.05 19.08
O3 PO4 G . 0.04 -4.19 18.34
O4 PO4 G . -0.11 -2.16 19.74
P PO4 H . -0.15 -12.95 -9.79
O1 PO4 H . 0.10 -13.63 -8.47
O2 PO4 H . 1.17 -12.64 -10.46
O3 PO4 H . -0.95 -13.89 -10.68
O4 PO4 H . -0.92 -11.68 -9.57
ZN ZN I . -6.74 -2.49 -25.62
ZN ZN J . -4.45 -1.73 -11.01
C1 EDO K . -15.66 8.52 -17.34
O1 EDO K . -15.13 9.59 -18.11
C2 EDO K . -14.55 8.06 -16.40
O2 EDO K . -15.02 7.07 -15.49
P PO4 L . -7.12 -5.91 -4.20
O1 PO4 L . -7.01 -5.68 -2.71
O2 PO4 L . -5.79 -5.61 -4.86
O3 PO4 L . -7.53 -7.33 -4.51
O4 PO4 L . -8.10 -4.92 -4.75
P PO4 M . -8.72 8.11 -16.18
O1 PO4 M . -8.91 8.52 -14.73
O2 PO4 M . -7.70 8.99 -16.86
O3 PO4 M . -8.27 6.67 -16.20
O4 PO4 M . -10.03 8.26 -16.92
P PO4 N . 15.28 4.08 3.36
O1 PO4 N . 15.73 5.06 4.42
O2 PO4 N . 15.75 4.58 2.01
O3 PO4 N . 15.88 2.72 3.63
O4 PO4 N . 13.78 3.99 3.37
#